data_6RSD
#
_entry.id   6RSD
#
_cell.length_a   43.110
_cell.length_b   88.700
_cell.length_c   174.540
_cell.angle_alpha   90.000
_cell.angle_beta   90.000
_cell.angle_gamma   90.000
#
_symmetry.space_group_name_H-M   'P 21 21 21'
#
loop_
_entity.id
_entity.type
_entity.pdbx_description
1 polymer 'Tyrosine-protein kinase JAK1'
2 non-polymer 1-[4-(cyanomethyl)-1-[(3-oxidanyl-4-phenyl-phenyl)methyl]piperidin-4-yl]-3-(cyclopropylcarbonylamino)pyrazole-4-carboxamide
3 water water
#
_entity_poly.entity_id   1
_entity_poly.type   'polypeptide(L)'
_entity_poly.pdbx_seq_one_letter_code
;GDIVSEKKPATEVDPTHFEKRFLKRIRDLGEGHFGKVELCRYDPEGDNTGEQVAVKSLKPESGGNHIADLKKEIEILRNL
YHENIVKYKGICTEDGGNGIKLIMEFLPSGSLKEYLPKNKNKINLKQQLKYAVQICKGMDYLGSRQYVHRDLAARNVLVE
SEHQVKIGDFGLTKAIETDKE(PTR)(PTR)TVKDDRDSPVFWYAPECLMQSKFYIASDVWSFGVTLHELLTYCDSDSSP
MALFLKMIGPTHGQMTVTRLVNTLKEGKRLPCPPNCPDEVYQLMRKCWEFQPSNRTSFQNLIEGFEALLK
;
_entity_poly.pdbx_strand_id   A,B
#
loop_
_chem_comp.id
_chem_comp.type
_chem_comp.name
_chem_comp.formula
KH8 non-polymer 1-[4-(cyanomethyl)-1-[(3-oxidanyl-4-phenyl-phenyl)methyl]piperidin-4-yl]-3-(cyclopropylcarbonylamino)pyrazole-4-carboxamide 'C28 H30 N6 O3'
#
# COMPACT_ATOMS: atom_id res chain seq x y z
N VAL A 13 -12.49 -49.77 9.52
CA VAL A 13 -12.30 -48.49 10.27
C VAL A 13 -11.14 -47.71 9.61
N ASP A 14 -11.38 -46.47 9.20
CA ASP A 14 -10.35 -45.66 8.50
C ASP A 14 -9.66 -44.80 9.56
N PRO A 15 -8.35 -44.94 9.76
CA PRO A 15 -7.67 -44.22 10.84
C PRO A 15 -7.44 -42.74 10.47
N THR A 16 -7.73 -42.32 9.22
CA THR A 16 -7.65 -40.89 8.80
C THR A 16 -9.03 -40.22 8.88
N HIS A 17 -10.04 -40.88 9.44
CA HIS A 17 -11.44 -40.39 9.54
C HIS A 17 -11.65 -39.98 10.99
N PHE A 18 -11.76 -38.69 11.26
CA PHE A 18 -12.01 -38.19 12.62
C PHE A 18 -13.48 -37.83 12.68
N GLU A 19 -14.22 -38.46 13.59
CA GLU A 19 -15.65 -38.15 13.83
C GLU A 19 -15.76 -36.85 14.61
N LYS A 20 -16.62 -35.94 14.16
CA LYS A 20 -16.79 -34.64 14.83
C LYS A 20 -17.19 -34.83 16.29
N ARG A 21 -18.01 -35.85 16.62
CA ARG A 21 -18.61 -35.96 17.98
C ARG A 21 -17.49 -36.25 18.99
N PHE A 22 -16.31 -36.73 18.58
CA PHE A 22 -15.19 -37.01 19.53
C PHE A 22 -14.06 -35.96 19.43
N LEU A 23 -14.16 -34.93 18.60
CA LEU A 23 -13.07 -33.92 18.44
C LEU A 23 -13.35 -32.72 19.35
N LYS A 24 -12.75 -32.70 20.52
CA LYS A 24 -13.06 -31.67 21.55
C LYS A 24 -12.12 -30.49 21.35
N ARG A 25 -12.70 -29.32 21.01
CA ARG A 25 -11.92 -28.09 20.86
C ARG A 25 -11.27 -27.71 22.21
N ILE A 26 -9.97 -27.39 22.24
CA ILE A 26 -9.30 -26.85 23.47
C ILE A 26 -9.03 -25.36 23.29
N ARG A 27 -8.16 -24.96 22.38
CA ARG A 27 -7.90 -23.52 22.20
C ARG A 27 -7.40 -23.23 20.80
N ASP A 28 -7.36 -21.95 20.48
CA ASP A 28 -6.81 -21.49 19.18
C ASP A 28 -5.28 -21.50 19.22
N LEU A 29 -4.64 -21.99 18.15
CA LEU A 29 -3.19 -21.93 17.94
C LEU A 29 -2.89 -20.80 16.97
N GLY A 30 -3.82 -20.53 16.04
CA GLY A 30 -3.54 -19.55 14.99
C GLY A 30 -4.83 -19.06 14.37
N GLU A 31 -4.79 -17.84 13.88
CA GLU A 31 -6.01 -17.29 13.27
C GLU A 31 -5.57 -16.44 12.08
N GLY A 32 -6.19 -16.63 10.92
CA GLY A 32 -6.09 -15.68 9.79
C GLY A 32 -7.44 -15.00 9.49
N HIS A 33 -7.48 -14.26 8.41
CA HIS A 33 -8.71 -13.60 7.89
C HIS A 33 -9.87 -14.61 7.81
N PHE A 34 -9.64 -15.85 7.32
CA PHE A 34 -10.73 -16.71 6.78
C PHE A 34 -10.86 -18.03 7.58
N GLY A 35 -9.90 -18.30 8.45
CA GLY A 35 -9.85 -19.62 9.10
C GLY A 35 -8.92 -19.65 10.30
N LYS A 36 -8.83 -20.81 10.95
CA LYS A 36 -8.02 -20.94 12.15
C LYS A 36 -7.36 -22.30 12.19
N VAL A 37 -6.35 -22.37 13.03
CA VAL A 37 -5.82 -23.69 13.46
C VAL A 37 -6.09 -23.79 14.96
N GLU A 38 -6.67 -24.88 15.43
CA GLU A 38 -7.06 -25.03 16.85
C GLU A 38 -6.41 -26.28 17.44
N LEU A 39 -6.07 -26.22 18.72
CA LEU A 39 -5.69 -27.45 19.48
C LEU A 39 -6.97 -28.17 19.87
N CYS A 40 -7.09 -29.45 19.47
CA CYS A 40 -8.20 -30.30 19.88
C CYS A 40 -7.67 -31.55 20.55
N ARG A 41 -8.54 -32.23 21.23
CA ARG A 41 -8.25 -33.58 21.72
C ARG A 41 -9.23 -34.52 21.01
N TYR A 42 -8.72 -35.55 20.33
CA TYR A 42 -9.60 -36.55 19.69
C TYR A 42 -9.82 -37.65 20.72
N ASP A 43 -11.03 -37.76 21.28
CA ASP A 43 -11.24 -38.52 22.55
C ASP A 43 -12.41 -39.47 22.40
N PRO A 44 -12.29 -40.47 21.54
CA PRO A 44 -13.41 -41.42 21.36
C PRO A 44 -13.80 -42.23 22.61
N GLU A 45 -12.90 -42.42 23.58
CA GLU A 45 -13.21 -43.11 24.86
C GLU A 45 -13.83 -42.15 25.91
N GLY A 46 -13.80 -40.84 25.71
CA GLY A 46 -14.54 -39.90 26.58
C GLY A 46 -13.90 -39.75 27.94
N ASP A 47 -12.63 -40.06 28.13
CA ASP A 47 -11.96 -40.01 29.45
C ASP A 47 -10.73 -39.09 29.41
N ASN A 48 -10.50 -38.33 28.33
CA ASN A 48 -9.34 -37.41 28.16
C ASN A 48 -8.02 -38.15 28.01
N THR A 49 -8.03 -39.38 27.54
CA THR A 49 -6.80 -40.12 27.17
C THR A 49 -6.46 -40.00 25.69
N GLY A 50 -7.33 -39.44 24.86
CA GLY A 50 -7.11 -39.35 23.42
C GLY A 50 -5.95 -38.41 23.09
N GLU A 51 -5.52 -38.46 21.87
CA GLU A 51 -4.37 -37.69 21.37
C GLU A 51 -4.76 -36.22 21.06
N GLN A 52 -3.89 -35.29 21.43
CA GLN A 52 -3.97 -33.89 20.99
C GLN A 52 -3.64 -33.80 19.50
N VAL A 53 -4.39 -33.01 18.76
CA VAL A 53 -4.20 -32.82 17.30
C VAL A 53 -4.35 -31.33 16.99
N ALA A 54 -3.71 -30.86 15.92
CA ALA A 54 -3.91 -29.50 15.39
C ALA A 54 -4.96 -29.58 14.28
N VAL A 55 -5.92 -28.68 14.28
CA VAL A 55 -7.11 -28.78 13.40
C VAL A 55 -7.26 -27.48 12.64
N LYS A 56 -7.15 -27.54 11.31
CA LYS A 56 -7.36 -26.35 10.46
C LYS A 56 -8.79 -26.37 9.96
N SER A 57 -9.47 -25.22 10.05
CA SER A 57 -10.82 -25.13 9.50
C SER A 57 -11.18 -23.67 9.14
N LEU A 58 -12.25 -23.53 8.36
CA LEU A 58 -12.69 -22.19 7.86
C LEU A 58 -13.64 -21.55 8.87
N LYS A 59 -13.64 -20.23 8.97
CA LYS A 59 -14.73 -19.48 9.66
C LYS A 59 -16.02 -19.60 8.86
N PRO A 60 -17.17 -19.60 9.54
CA PRO A 60 -18.48 -19.67 8.85
C PRO A 60 -18.62 -18.77 7.62
N GLU A 61 -18.13 -17.52 7.69
CA GLU A 61 -17.98 -16.52 6.59
C GLU A 61 -17.82 -17.23 5.23
N SER A 62 -16.57 -17.54 4.81
CA SER A 62 -16.11 -18.19 3.55
C SER A 62 -16.12 -17.23 2.33
N GLY A 63 -16.31 -17.76 1.10
CA GLY A 63 -16.42 -16.99 -0.15
C GLY A 63 -15.65 -17.63 -1.31
N GLY A 64 -15.25 -16.80 -2.30
CA GLY A 64 -14.36 -17.10 -3.44
C GLY A 64 -13.27 -18.10 -3.06
N ASN A 65 -13.32 -19.29 -3.65
CA ASN A 65 -13.50 -20.49 -2.81
C ASN A 65 -12.30 -20.71 -1.88
N HIS A 66 -12.46 -20.17 -0.67
CA HIS A 66 -11.73 -20.60 0.56
C HIS A 66 -11.90 -22.11 0.74
N ILE A 67 -13.12 -22.66 0.55
CA ILE A 67 -13.36 -24.13 0.71
C ILE A 67 -12.56 -24.89 -0.34
N ALA A 68 -12.60 -24.47 -1.61
CA ALA A 68 -11.85 -25.16 -2.67
C ALA A 68 -10.35 -25.10 -2.31
N ASP A 69 -9.86 -23.96 -1.82
CA ASP A 69 -8.42 -23.81 -1.51
C ASP A 69 -8.06 -24.74 -0.33
N LEU A 70 -8.89 -24.80 0.71
CA LEU A 70 -8.59 -25.72 1.84
C LEU A 70 -8.59 -27.17 1.37
N LYS A 71 -9.56 -27.57 0.54
CA LYS A 71 -9.57 -28.94 0.01
C LYS A 71 -8.27 -29.18 -0.76
N LYS A 72 -7.75 -28.18 -1.45
CA LYS A 72 -6.48 -28.36 -2.22
C LYS A 72 -5.32 -28.48 -1.23
N GLU A 73 -5.35 -27.69 -0.19
CA GLU A 73 -4.28 -27.74 0.83
C GLU A 73 -4.22 -29.12 1.47
N ILE A 74 -5.38 -29.70 1.74
CA ILE A 74 -5.50 -31.07 2.33
C ILE A 74 -4.80 -32.03 1.35
N GLU A 75 -5.12 -31.99 0.06
CA GLU A 75 -4.54 -32.97 -0.90
C GLU A 75 -3.04 -32.73 -1.07
N ILE A 76 -2.56 -31.48 -0.91
CA ILE A 76 -1.12 -31.21 -0.96
C ILE A 76 -0.47 -31.90 0.23
N LEU A 77 -0.92 -31.60 1.41
CA LEU A 77 -0.24 -32.05 2.65
C LEU A 77 -0.35 -33.59 2.79
N ARG A 78 -1.50 -34.19 2.49
CA ARG A 78 -1.74 -35.66 2.57
C ARG A 78 -0.64 -36.42 1.81
N ASN A 79 -0.12 -35.86 0.72
CA ASN A 79 0.78 -36.56 -0.23
C ASN A 79 2.21 -36.01 -0.10
N LEU A 80 2.51 -35.19 0.94
CA LEU A 80 3.92 -34.86 1.29
C LEU A 80 4.42 -35.80 2.40
N TYR A 81 5.60 -36.40 2.21
CA TYR A 81 6.20 -37.35 3.18
C TYR A 81 7.68 -36.95 3.32
N HIS A 82 8.01 -36.16 4.35
CA HIS A 82 9.36 -35.65 4.59
C HIS A 82 9.52 -35.49 6.10
N GLU A 83 10.67 -35.85 6.67
CA GLU A 83 10.84 -35.68 8.13
C GLU A 83 10.81 -34.21 8.54
N ASN A 84 10.96 -33.24 7.62
CA ASN A 84 10.90 -31.78 7.97
C ASN A 84 9.61 -31.09 7.50
N ILE A 85 8.57 -31.87 7.32
CA ILE A 85 7.19 -31.42 6.97
C ILE A 85 6.23 -32.05 7.97
N VAL A 86 5.39 -31.21 8.56
CA VAL A 86 4.40 -31.64 9.60
C VAL A 86 3.50 -32.74 9.01
N LYS A 87 3.16 -33.69 9.85
CA LYS A 87 2.43 -34.92 9.46
C LYS A 87 0.93 -34.66 9.36
N TYR A 88 0.36 -34.94 8.20
CA TYR A 88 -1.09 -35.15 8.00
C TYR A 88 -1.57 -36.35 8.82
N LYS A 89 -2.69 -36.23 9.53
CA LYS A 89 -3.34 -37.34 10.27
C LYS A 89 -4.68 -37.69 9.65
N GLY A 90 -5.49 -36.73 9.17
CA GLY A 90 -6.80 -37.03 8.60
C GLY A 90 -7.68 -35.86 8.32
N ILE A 91 -8.95 -36.16 8.15
CA ILE A 91 -9.96 -35.11 7.99
C ILE A 91 -11.18 -35.40 8.86
N CYS A 92 -11.92 -34.34 9.11
CA CYS A 92 -13.23 -34.37 9.75
C CYS A 92 -14.23 -33.68 8.82
N THR A 93 -15.31 -34.34 8.40
CA THR A 93 -16.34 -33.77 7.47
C THR A 93 -17.60 -33.46 8.29
N GLU A 94 -18.10 -32.23 8.20
CA GLU A 94 -19.27 -31.66 8.96
C GLU A 94 -19.88 -30.51 8.14
N GLY A 99 -18.63 -28.73 4.94
CA GLY A 99 -17.49 -28.12 5.67
C GLY A 99 -16.54 -29.24 6.12
N ILE A 100 -15.22 -28.97 6.09
CA ILE A 100 -14.14 -29.99 6.20
C ILE A 100 -13.11 -29.38 7.13
N LYS A 101 -12.44 -30.24 7.87
CA LYS A 101 -11.35 -29.86 8.79
C LYS A 101 -10.11 -30.73 8.48
N LEU A 102 -8.95 -30.10 8.35
CA LEU A 102 -7.63 -30.77 8.23
C LEU A 102 -7.09 -31.05 9.64
N ILE A 103 -6.74 -32.29 9.88
CA ILE A 103 -6.22 -32.80 11.16
C ILE A 103 -4.69 -33.06 10.92
N MET A 104 -3.88 -32.47 11.78
CA MET A 104 -2.40 -32.63 11.74
C MET A 104 -1.89 -33.05 13.09
N GLU A 105 -0.64 -33.50 13.14
CA GLU A 105 -0.01 -33.77 14.46
C GLU A 105 0.13 -32.41 15.16
N PHE A 106 0.04 -32.50 16.46
CA PHE A 106 0.33 -31.37 17.39
C PHE A 106 1.73 -31.44 17.93
N LEU A 107 2.46 -30.35 17.76
CA LEU A 107 3.84 -30.13 18.25
C LEU A 107 3.77 -29.13 19.40
N PRO A 108 3.79 -29.65 20.64
CA PRO A 108 3.63 -28.80 21.82
C PRO A 108 4.69 -27.69 21.97
N SER A 109 5.89 -27.86 21.42
CA SER A 109 6.93 -26.79 21.48
C SER A 109 6.55 -25.59 20.65
N GLY A 110 5.66 -25.75 19.68
CA GLY A 110 5.23 -24.60 18.86
C GLY A 110 6.24 -24.22 17.81
N SER A 111 6.11 -22.98 17.31
CA SER A 111 6.94 -22.42 16.24
C SER A 111 8.28 -21.94 16.79
N LEU A 112 9.26 -21.76 15.94
CA LEU A 112 10.49 -21.03 16.34
C LEU A 112 10.19 -19.72 17.05
N LYS A 113 9.14 -19.01 16.65
CA LYS A 113 8.79 -17.73 17.29
C LYS A 113 8.45 -17.95 18.77
N GLU A 114 7.88 -19.09 19.16
CA GLU A 114 7.58 -19.39 20.59
C GLU A 114 8.86 -19.95 21.25
N TYR A 115 9.49 -20.87 20.56
CA TYR A 115 10.50 -21.75 21.16
C TYR A 115 11.84 -20.99 21.30
N LEU A 116 12.31 -20.25 20.31
CA LEU A 116 13.72 -19.76 20.40
C LEU A 116 13.90 -18.75 21.51
N PRO A 117 12.95 -17.80 21.76
CA PRO A 117 13.18 -16.86 22.86
C PRO A 117 13.34 -17.53 24.24
N LYS A 118 12.74 -18.70 24.45
CA LYS A 118 12.75 -19.38 25.75
C LYS A 118 13.95 -20.31 25.86
N ASN A 119 14.72 -20.55 24.78
CA ASN A 119 15.69 -21.66 24.75
C ASN A 119 17.02 -21.18 24.20
N LYS A 120 17.31 -19.87 24.28
CA LYS A 120 18.55 -19.29 23.75
C LYS A 120 19.74 -20.00 24.38
N ASN A 121 19.67 -20.30 25.67
CA ASN A 121 20.83 -20.89 26.40
C ASN A 121 21.20 -22.22 25.76
N LYS A 122 20.24 -23.02 25.30
CA LYS A 122 20.54 -24.39 24.82
C LYS A 122 20.65 -24.42 23.30
N ILE A 123 20.21 -23.40 22.55
CA ILE A 123 20.32 -23.44 21.07
C ILE A 123 21.49 -22.54 20.63
N ASN A 124 22.65 -23.13 20.30
CA ASN A 124 23.85 -22.39 19.85
C ASN A 124 23.92 -22.32 18.31
N LEU A 125 24.97 -21.66 17.78
CA LEU A 125 25.04 -21.46 16.34
C LEU A 125 25.04 -22.80 15.59
N LYS A 126 25.76 -23.82 16.07
CA LYS A 126 25.69 -25.14 15.41
C LYS A 126 24.23 -25.58 15.28
N GLN A 127 23.45 -25.53 16.38
CA GLN A 127 22.06 -26.01 16.35
C GLN A 127 21.24 -25.14 15.37
N GLN A 128 21.54 -23.85 15.33
CA GLN A 128 20.83 -22.94 14.41
C GLN A 128 21.13 -23.37 12.96
N LEU A 129 22.35 -23.72 12.63
CA LEU A 129 22.71 -24.10 11.25
C LEU A 129 22.07 -25.43 10.94
N LYS A 130 21.94 -26.34 11.93
CA LYS A 130 21.22 -27.61 11.73
C LYS A 130 19.75 -27.33 11.41
N TYR A 131 19.15 -26.39 12.08
CA TYR A 131 17.73 -26.08 11.79
C TYR A 131 17.64 -25.53 10.37
N ALA A 132 18.55 -24.66 10.04
CA ALA A 132 18.64 -24.06 8.69
C ALA A 132 18.69 -25.15 7.63
N VAL A 133 19.56 -26.16 7.81
CA VAL A 133 19.65 -27.27 6.88
C VAL A 133 18.31 -27.97 6.73
N GLN A 134 17.63 -28.21 7.83
CA GLN A 134 16.40 -29.01 7.82
C GLN A 134 15.29 -28.22 7.12
N ILE A 135 15.24 -26.92 7.36
CA ILE A 135 14.28 -26.04 6.63
C ILE A 135 14.59 -26.12 5.14
N CYS A 136 15.84 -26.06 4.74
CA CYS A 136 16.23 -26.10 3.28
C CYS A 136 15.86 -27.48 2.71
N LYS A 137 15.97 -28.57 3.47
CA LYS A 137 15.62 -29.89 2.94
C LYS A 137 14.10 -29.98 2.71
N GLY A 138 13.30 -29.44 3.62
CA GLY A 138 11.85 -29.55 3.45
C GLY A 138 11.42 -28.69 2.29
N MET A 139 12.02 -27.51 2.18
CA MET A 139 11.70 -26.60 1.06
C MET A 139 12.15 -27.21 -0.27
N ASP A 140 13.27 -27.87 -0.31
CA ASP A 140 13.79 -28.41 -1.56
C ASP A 140 12.89 -29.56 -1.98
N TYR A 141 12.43 -30.36 -1.04
CA TYR A 141 11.41 -31.42 -1.25
C TYR A 141 10.09 -30.83 -1.81
N LEU A 142 9.62 -29.72 -1.27
CA LEU A 142 8.40 -29.05 -1.79
C LEU A 142 8.62 -28.56 -3.22
N GLY A 143 9.75 -27.89 -3.50
CA GLY A 143 10.15 -27.43 -4.86
C GLY A 143 10.22 -28.54 -5.89
N SER A 144 10.77 -29.69 -5.50
CA SER A 144 10.86 -30.90 -6.36
C SER A 144 9.46 -31.38 -6.78
N ARG A 145 8.42 -31.12 -5.98
CA ARG A 145 6.99 -31.47 -6.27
C ARG A 145 6.27 -30.30 -6.92
N GLN A 146 7.02 -29.32 -7.43
CA GLN A 146 6.49 -28.18 -8.24
C GLN A 146 5.57 -27.32 -7.36
N TYR A 147 5.86 -27.20 -6.06
CA TYR A 147 5.16 -26.22 -5.19
C TYR A 147 5.99 -25.00 -4.81
N VAL A 148 5.34 -23.85 -4.75
CA VAL A 148 5.88 -22.62 -4.09
C VAL A 148 5.07 -22.44 -2.79
N HIS A 149 5.75 -22.17 -1.69
CA HIS A 149 5.13 -22.11 -0.34
C HIS A 149 4.45 -20.75 -0.13
N ARG A 150 5.17 -19.68 -0.43
CA ARG A 150 4.66 -18.30 -0.35
C ARG A 150 4.47 -17.77 1.06
N ASP A 151 4.88 -18.49 2.11
CA ASP A 151 4.69 -17.95 3.47
C ASP A 151 5.74 -18.51 4.42
N LEU A 152 6.95 -18.67 3.93
CA LEU A 152 8.04 -19.26 4.76
C LEU A 152 8.55 -18.18 5.71
N ALA A 153 8.26 -18.36 6.99
CA ALA A 153 8.61 -17.43 8.06
C ALA A 153 8.82 -18.31 9.30
N ALA A 154 9.51 -17.83 10.31
CA ALA A 154 9.74 -18.59 11.56
C ALA A 154 8.45 -18.99 12.29
N ARG A 155 7.37 -18.22 12.20
CA ARG A 155 6.07 -18.57 12.75
C ARG A 155 5.46 -19.82 12.09
N ASN A 156 5.94 -20.28 10.94
CA ASN A 156 5.47 -21.48 10.24
C ASN A 156 6.48 -22.62 10.25
N VAL A 157 7.50 -22.54 11.10
CA VAL A 157 8.52 -23.61 11.32
C VAL A 157 8.34 -24.10 12.74
N LEU A 158 7.87 -25.33 12.87
CA LEU A 158 7.52 -25.93 14.17
C LEU A 158 8.72 -26.68 14.73
N VAL A 159 8.77 -26.77 16.07
CA VAL A 159 9.87 -27.49 16.79
C VAL A 159 9.32 -28.85 17.19
N GLU A 160 9.87 -29.89 16.61
CA GLU A 160 9.52 -31.29 17.02
C GLU A 160 10.25 -31.66 18.30
N SER A 161 11.53 -31.32 18.36
CA SER A 161 12.43 -31.57 19.51
C SER A 161 13.52 -30.54 19.40
N GLU A 162 14.42 -30.52 20.39
CA GLU A 162 15.60 -29.65 20.34
C GLU A 162 16.39 -29.88 19.04
N HIS A 163 16.37 -31.08 18.50
CA HIS A 163 17.19 -31.46 17.32
C HIS A 163 16.40 -31.47 16.00
N GLN A 164 15.12 -31.13 15.93
CA GLN A 164 14.35 -31.33 14.66
C GLN A 164 13.28 -30.25 14.51
N VAL A 165 13.23 -29.61 13.33
CA VAL A 165 12.11 -28.73 12.97
C VAL A 165 11.35 -29.24 11.76
N LYS A 166 10.13 -28.75 11.58
CA LYS A 166 9.26 -29.12 10.46
C LYS A 166 8.51 -27.87 9.97
N ILE A 167 8.41 -27.74 8.66
CA ILE A 167 7.50 -26.71 8.10
C ILE A 167 6.07 -27.13 8.48
N GLY A 168 5.29 -26.22 9.06
CA GLY A 168 4.05 -26.61 9.81
C GLY A 168 2.79 -26.01 9.29
N ASP A 169 2.82 -25.25 8.19
CA ASP A 169 1.61 -24.63 7.61
C ASP A 169 1.77 -24.49 6.12
N PHE A 170 0.68 -24.77 5.40
CA PHE A 170 0.68 -24.75 3.92
C PHE A 170 -0.51 -23.96 3.36
N GLY A 171 -1.01 -23.01 4.12
CA GLY A 171 -2.21 -22.20 3.77
C GLY A 171 -2.10 -21.37 2.50
N LEU A 172 -0.91 -21.00 2.06
CA LEU A 172 -0.70 -20.23 0.80
C LEU A 172 -0.04 -21.08 -0.28
N THR A 173 0.28 -22.35 -0.05
CA THR A 173 1.04 -23.20 -0.97
C THR A 173 0.27 -23.43 -2.30
N LYS A 174 0.97 -23.26 -3.42
CA LYS A 174 0.39 -23.32 -4.80
C LYS A 174 1.28 -24.20 -5.68
N ALA A 175 0.63 -24.86 -6.64
CA ALA A 175 1.28 -25.69 -7.66
C ALA A 175 1.79 -24.74 -8.75
N ILE A 176 3.05 -24.84 -9.18
CA ILE A 176 3.55 -24.15 -10.41
C ILE A 176 3.15 -25.06 -11.57
N GLU A 177 2.43 -24.55 -12.53
CA GLU A 177 2.06 -25.36 -13.74
C GLU A 177 3.34 -26.01 -14.35
N THR A 178 3.28 -27.27 -14.81
CA THR A 178 4.33 -27.91 -15.67
C THR A 178 4.70 -26.93 -16.82
N ASP A 179 6.00 -26.74 -17.10
CA ASP A 179 6.55 -25.83 -18.17
C ASP A 179 6.40 -24.33 -17.82
N LYS A 180 6.11 -23.98 -16.57
CA LYS A 180 6.01 -22.56 -16.11
C LYS A 180 7.01 -22.40 -14.96
N GLU A 181 7.53 -21.19 -14.71
CA GLU A 181 8.55 -20.90 -13.63
C GLU A 181 7.94 -20.22 -12.40
N PTR A 182 6.71 -19.72 -12.50
CA PTR A 182 6.07 -19.02 -11.41
C PTR A 182 4.57 -19.24 -11.39
O PTR A 182 3.97 -19.62 -12.42
CB PTR A 182 6.38 -17.53 -11.55
CG PTR A 182 5.88 -16.88 -12.82
CD1 PTR A 182 6.71 -16.73 -13.92
CD2 PTR A 182 4.61 -16.37 -12.87
CE1 PTR A 182 6.28 -16.08 -15.07
CE2 PTR A 182 4.14 -15.72 -14.01
CZ PTR A 182 4.99 -15.60 -15.09
OH PTR A 182 4.41 -14.97 -16.20
P PTR A 182 5.02 -14.96 -17.62
O1P PTR A 182 3.86 -14.42 -18.39
O2P PTR A 182 5.38 -16.37 -18.04
O3P PTR A 182 6.23 -14.05 -17.56
N PTR A 183 3.98 -18.81 -10.25
CA PTR A 183 2.54 -18.71 -10.07
C PTR A 183 2.14 -17.24 -9.91
O PTR A 183 2.72 -16.51 -9.13
CB PTR A 183 2.13 -19.54 -8.84
CG PTR A 183 0.68 -19.38 -8.45
CD1 PTR A 183 0.32 -18.44 -7.49
CD2 PTR A 183 -0.29 -20.16 -9.05
CE1 PTR A 183 -1.02 -18.25 -7.15
CE2 PTR A 183 -1.62 -20.00 -8.71
CZ PTR A 183 -1.98 -19.05 -7.76
OH PTR A 183 -3.34 -18.87 -7.41
P PTR A 183 -4.61 -19.70 -8.07
O1P PTR A 183 -5.70 -18.79 -7.52
O2P PTR A 183 -4.53 -19.72 -9.56
O3P PTR A 183 -4.71 -21.10 -7.56
N THR A 184 1.15 -16.77 -10.68
CA THR A 184 0.68 -15.41 -10.50
C THR A 184 -0.42 -15.31 -9.43
N VAL A 185 -0.25 -14.45 -8.42
CA VAL A 185 -1.23 -14.33 -7.29
C VAL A 185 -2.24 -13.20 -7.53
N LYS A 186 -3.47 -13.44 -7.10
CA LYS A 186 -4.59 -12.48 -7.20
C LYS A 186 -4.97 -11.98 -5.79
N ASP A 187 -5.27 -12.88 -4.86
CA ASP A 187 -5.72 -12.46 -3.51
C ASP A 187 -4.44 -12.21 -2.71
N ASP A 188 -4.12 -10.95 -2.44
CA ASP A 188 -2.79 -10.51 -1.90
C ASP A 188 -2.93 -9.47 -0.77
N ARG A 189 -4.13 -9.07 -0.37
CA ARG A 189 -4.27 -7.98 0.64
C ARG A 189 -3.55 -8.39 1.94
N ASP A 190 -3.57 -9.69 2.29
CA ASP A 190 -2.93 -10.13 3.56
C ASP A 190 -1.50 -10.64 3.35
N SER A 191 -0.78 -10.25 2.31
CA SER A 191 0.64 -10.71 2.04
C SER A 191 1.60 -10.36 3.20
N PRO A 192 2.50 -11.30 3.59
CA PRO A 192 3.57 -11.01 4.56
C PRO A 192 4.74 -10.27 3.89
N VAL A 193 4.55 -8.98 3.64
CA VAL A 193 5.40 -8.22 2.66
C VAL A 193 6.85 -8.14 3.12
N PHE A 194 7.12 -8.20 4.43
CA PHE A 194 8.53 -8.05 4.92
C PHE A 194 9.29 -9.37 4.71
N TRP A 195 8.67 -10.42 4.19
CA TRP A 195 9.35 -11.67 3.81
C TRP A 195 9.40 -11.84 2.29
N TYR A 196 8.80 -10.91 1.54
CA TYR A 196 8.56 -11.13 0.10
C TYR A 196 9.68 -10.54 -0.77
N ALA A 197 10.01 -11.28 -1.81
CA ALA A 197 10.98 -10.85 -2.83
C ALA A 197 10.37 -9.73 -3.70
N PRO A 198 11.22 -8.89 -4.32
CA PRO A 198 10.73 -7.76 -5.12
C PRO A 198 9.69 -8.16 -6.18
N GLU A 199 9.91 -9.26 -6.91
CA GLU A 199 9.00 -9.74 -7.98
C GLU A 199 7.59 -10.02 -7.42
N CYS A 200 7.54 -10.56 -6.22
CA CYS A 200 6.27 -10.79 -5.48
C CYS A 200 5.62 -9.42 -5.20
N LEU A 201 6.38 -8.45 -4.68
CA LEU A 201 5.81 -7.13 -4.29
C LEU A 201 5.39 -6.33 -5.53
N MET A 202 6.15 -6.45 -6.60
CA MET A 202 6.01 -5.56 -7.77
C MET A 202 5.01 -6.14 -8.78
N GLN A 203 4.93 -7.48 -8.93
CA GLN A 203 4.17 -8.17 -10.02
C GLN A 203 3.34 -9.37 -9.50
N SER A 204 3.29 -9.60 -8.21
CA SER A 204 2.51 -10.73 -7.64
C SER A 204 2.87 -12.04 -8.39
N LYS A 205 4.14 -12.19 -8.79
CA LYS A 205 4.68 -13.44 -9.36
C LYS A 205 5.55 -14.17 -8.34
N PHE A 206 5.31 -15.47 -8.19
CA PHE A 206 5.93 -16.27 -7.10
C PHE A 206 6.70 -17.44 -7.74
N TYR A 207 8.02 -17.40 -7.64
CA TYR A 207 8.96 -18.41 -8.17
C TYR A 207 9.46 -19.25 -6.98
N ILE A 208 10.10 -20.37 -7.28
CA ILE A 208 10.87 -21.08 -6.22
C ILE A 208 11.92 -20.13 -5.62
N ALA A 209 12.62 -19.37 -6.47
CA ALA A 209 13.62 -18.38 -6.00
C ALA A 209 12.97 -17.34 -5.10
N SER A 210 11.66 -17.20 -5.15
CA SER A 210 10.90 -16.29 -4.23
C SER A 210 10.87 -16.92 -2.82
N ASP A 211 10.67 -18.21 -2.76
CA ASP A 211 10.81 -18.98 -1.49
C ASP A 211 12.25 -18.91 -0.97
N VAL A 212 13.28 -18.92 -1.81
CA VAL A 212 14.70 -18.74 -1.34
C VAL A 212 14.85 -17.38 -0.66
N TRP A 213 14.27 -16.30 -1.21
CA TRP A 213 14.34 -14.99 -0.55
C TRP A 213 13.69 -15.06 0.83
N SER A 214 12.53 -15.68 0.94
CA SER A 214 11.78 -15.84 2.22
C SER A 214 12.58 -16.67 3.22
N PHE A 215 13.30 -17.67 2.73
CA PHE A 215 14.23 -18.46 3.58
C PHE A 215 15.33 -17.57 4.18
N GLY A 216 15.93 -16.72 3.39
CA GLY A 216 16.95 -15.81 3.95
C GLY A 216 16.39 -14.99 5.10
N VAL A 217 15.16 -14.48 4.94
CA VAL A 217 14.47 -13.72 6.02
C VAL A 217 14.23 -14.60 7.23
N THR A 218 13.80 -15.80 7.01
CA THR A 218 13.53 -16.77 8.10
C THR A 218 14.87 -17.08 8.78
N LEU A 219 15.94 -17.24 8.02
CA LEU A 219 17.29 -17.46 8.64
C LEU A 219 17.69 -16.27 9.55
N HIS A 220 17.48 -15.05 9.12
CA HIS A 220 17.73 -13.87 9.93
C HIS A 220 16.93 -13.99 11.23
N GLU A 221 15.64 -14.37 11.20
CA GLU A 221 14.80 -14.59 12.39
C GLU A 221 15.45 -15.64 13.28
N LEU A 222 15.88 -16.75 12.68
CA LEU A 222 16.47 -17.84 13.51
C LEU A 222 17.72 -17.30 14.23
N LEU A 223 18.56 -16.56 13.52
CA LEU A 223 19.81 -16.01 14.07
C LEU A 223 19.52 -14.92 15.09
N THR A 224 18.33 -14.31 15.14
CA THR A 224 17.97 -13.27 16.15
C THR A 224 17.12 -13.89 17.27
N TYR A 225 17.00 -15.22 17.29
CA TYR A 225 16.15 -15.98 18.21
C TYR A 225 14.73 -15.42 18.20
N CYS A 226 14.24 -14.97 17.03
CA CYS A 226 12.87 -14.48 16.86
C CYS A 226 12.55 -13.35 17.83
N ASP A 227 13.52 -12.53 18.26
CA ASP A 227 13.19 -11.43 19.20
C ASP A 227 12.33 -10.41 18.43
N SER A 228 11.26 -9.95 19.05
CA SER A 228 10.28 -9.05 18.38
C SER A 228 10.95 -7.73 17.96
N ASP A 229 11.94 -7.23 18.70
CA ASP A 229 12.55 -5.91 18.40
C ASP A 229 13.59 -6.06 17.29
N SER A 230 13.89 -7.29 16.84
CA SER A 230 14.78 -7.58 15.69
C SER A 230 14.02 -8.20 14.52
N SER A 231 12.68 -8.20 14.57
CA SER A 231 11.88 -8.89 13.53
C SER A 231 12.09 -8.17 12.21
N PRO A 232 11.92 -8.89 11.08
CA PRO A 232 11.99 -8.26 9.77
C PRO A 232 11.03 -7.07 9.65
N MET A 233 9.83 -7.12 10.24
CA MET A 233 8.92 -5.92 10.21
C MET A 233 9.55 -4.73 10.97
N ALA A 234 9.97 -4.96 12.20
CA ALA A 234 10.53 -3.88 13.07
C ALA A 234 11.73 -3.27 12.35
N LEU A 235 12.60 -4.11 11.77
CA LEU A 235 13.86 -3.59 11.19
C LEU A 235 13.51 -2.87 9.89
N PHE A 236 12.65 -3.40 9.04
CA PHE A 236 12.34 -2.67 7.78
C PHE A 236 11.56 -1.39 8.10
N LEU A 237 10.63 -1.41 9.05
CA LEU A 237 9.92 -0.14 9.39
C LEU A 237 10.89 0.91 9.95
N LYS A 238 11.94 0.51 10.68
CA LYS A 238 12.99 1.44 11.14
C LYS A 238 13.67 2.05 9.92
N MET A 239 14.01 1.25 8.90
CA MET A 239 14.71 1.72 7.67
C MET A 239 13.81 2.68 6.90
N ILE A 240 12.55 2.30 6.68
CA ILE A 240 11.69 3.08 5.71
C ILE A 240 10.74 4.07 6.43
N GLY A 241 10.56 3.96 7.75
CA GLY A 241 9.63 4.78 8.54
C GLY A 241 8.32 4.04 8.76
N PRO A 242 7.71 4.12 9.98
CA PRO A 242 6.50 3.36 10.28
C PRO A 242 5.15 4.07 10.02
N THR A 243 5.16 5.27 9.45
CA THR A 243 3.97 6.16 9.40
C THR A 243 3.37 6.23 7.98
N HIS A 244 3.79 5.37 7.05
CA HIS A 244 3.53 5.58 5.59
C HIS A 244 2.22 4.95 5.10
N GLY A 245 1.52 4.18 5.95
CA GLY A 245 0.22 3.59 5.63
C GLY A 245 0.27 2.89 4.27
N GLN A 246 -0.69 3.22 3.37
CA GLN A 246 -0.86 2.58 2.02
C GLN A 246 0.42 2.74 1.13
N MET A 247 1.39 3.56 1.54
CA MET A 247 2.64 3.80 0.75
C MET A 247 3.76 2.89 1.23
N THR A 248 3.54 2.08 2.28
CA THR A 248 4.61 1.26 2.93
C THR A 248 5.23 0.33 1.88
N VAL A 249 4.43 -0.40 1.12
CA VAL A 249 5.02 -1.45 0.23
C VAL A 249 5.84 -0.80 -0.90
N THR A 250 5.45 0.36 -1.48
CA THR A 250 6.27 0.97 -2.56
C THR A 250 7.58 1.53 -1.98
N ARG A 251 7.52 2.06 -0.76
CA ARG A 251 8.76 2.50 -0.06
C ARG A 251 9.65 1.27 0.19
N LEU A 252 9.05 0.15 0.57
CA LEU A 252 9.87 -1.08 0.81
C LEU A 252 10.54 -1.50 -0.51
N VAL A 253 9.79 -1.52 -1.61
CA VAL A 253 10.34 -1.84 -2.94
C VAL A 253 11.50 -0.90 -3.25
N ASN A 254 11.34 0.40 -3.01
CA ASN A 254 12.38 1.39 -3.38
C ASN A 254 13.65 1.13 -2.57
N THR A 255 13.50 0.87 -1.26
CA THR A 255 14.64 0.52 -0.36
C THR A 255 15.39 -0.69 -0.93
N LEU A 256 14.66 -1.73 -1.32
CA LEU A 256 15.29 -2.98 -1.87
C LEU A 256 15.94 -2.68 -3.22
N LYS A 257 15.31 -1.85 -4.08
CA LYS A 257 15.93 -1.46 -5.39
C LYS A 257 17.27 -0.77 -5.18
N GLU A 258 17.39 0.02 -4.11
CA GLU A 258 18.59 0.80 -3.77
C GLU A 258 19.63 -0.14 -3.19
N GLY A 259 19.25 -1.34 -2.78
CA GLY A 259 20.18 -2.42 -2.37
C GLY A 259 20.30 -2.58 -0.87
N LYS A 260 19.50 -1.87 -0.10
CA LYS A 260 19.42 -2.00 1.37
C LYS A 260 18.85 -3.39 1.71
N ARG A 261 19.47 -3.99 2.71
CA ARG A 261 19.03 -5.32 3.20
C ARG A 261 19.03 -5.33 4.72
N LEU A 262 18.33 -6.31 5.29
CA LEU A 262 18.39 -6.53 6.75
C LEU A 262 19.87 -6.68 7.15
N PRO A 263 20.27 -6.05 8.25
CA PRO A 263 21.68 -6.07 8.66
C PRO A 263 22.10 -7.42 9.24
N CYS A 264 23.41 -7.62 9.35
CA CYS A 264 23.99 -8.86 9.95
C CYS A 264 23.49 -8.96 11.39
N PRO A 265 22.89 -10.08 11.81
CA PRO A 265 22.48 -10.24 13.19
C PRO A 265 23.66 -10.21 14.15
N PRO A 266 23.41 -9.79 15.40
CA PRO A 266 24.47 -9.80 16.41
C PRO A 266 25.04 -11.22 16.48
N ASN A 267 26.35 -11.28 16.64
CA ASN A 267 27.08 -12.56 16.78
C ASN A 267 26.96 -13.47 15.54
N CYS A 268 26.39 -13.03 14.44
CA CYS A 268 26.34 -13.88 13.22
C CYS A 268 27.67 -13.73 12.50
N PRO A 269 28.44 -14.80 12.27
CA PRO A 269 29.68 -14.65 11.51
C PRO A 269 29.42 -14.23 10.06
N ASP A 270 30.39 -13.54 9.47
CA ASP A 270 30.25 -12.99 8.10
C ASP A 270 29.99 -14.16 7.15
N GLU A 271 30.60 -15.33 7.38
CA GLU A 271 30.42 -16.44 6.41
C GLU A 271 28.94 -16.91 6.39
N VAL A 272 28.21 -16.82 7.50
CA VAL A 272 26.76 -17.14 7.51
C VAL A 272 26.01 -15.97 6.90
N TYR A 273 26.37 -14.72 7.22
CA TYR A 273 25.69 -13.55 6.63
C TYR A 273 25.79 -13.62 5.10
N GLN A 274 26.91 -14.10 4.55
CA GLN A 274 27.12 -14.07 3.07
C GLN A 274 26.17 -15.10 2.43
N LEU A 275 25.92 -16.24 3.07
CA LEU A 275 24.90 -17.19 2.50
C LEU A 275 23.52 -16.51 2.53
N MET A 276 23.17 -15.85 3.62
CA MET A 276 21.90 -15.12 3.73
C MET A 276 21.79 -14.10 2.56
N ARG A 277 22.85 -13.34 2.32
CA ARG A 277 22.81 -12.26 1.29
C ARG A 277 22.61 -12.85 -0.11
N LYS A 278 23.07 -14.07 -0.37
CA LYS A 278 22.86 -14.75 -1.66
C LYS A 278 21.38 -15.08 -1.86
N CYS A 279 20.58 -15.08 -0.80
CA CYS A 279 19.12 -15.29 -0.86
C CYS A 279 18.43 -14.03 -1.41
N TRP A 280 19.09 -12.87 -1.33
CA TRP A 280 18.44 -11.54 -1.47
C TRP A 280 19.02 -10.77 -2.65
N GLU A 281 19.53 -11.49 -3.64
CA GLU A 281 19.83 -10.91 -4.96
C GLU A 281 18.53 -10.32 -5.52
N PHE A 282 18.57 -9.14 -6.09
CA PHE A 282 17.32 -8.50 -6.59
C PHE A 282 16.65 -9.41 -7.64
N GLN A 283 17.43 -9.91 -8.60
CA GLN A 283 16.93 -10.73 -9.74
C GLN A 283 16.83 -12.17 -9.25
N PRO A 284 15.66 -12.82 -9.36
CA PRO A 284 15.55 -14.24 -8.97
C PRO A 284 16.61 -15.17 -9.58
N SER A 285 16.98 -14.91 -10.83
CA SER A 285 17.90 -15.83 -11.53
C SER A 285 19.25 -15.82 -10.83
N ASN A 286 19.63 -14.74 -10.11
CA ASN A 286 20.98 -14.54 -9.51
C ASN A 286 21.03 -15.10 -8.07
N ARG A 287 19.93 -15.62 -7.55
CA ARG A 287 19.86 -16.03 -6.13
C ARG A 287 20.45 -17.43 -6.04
N THR A 288 21.02 -17.77 -4.89
CA THR A 288 21.39 -19.17 -4.57
C THR A 288 20.13 -20.05 -4.65
N SER A 289 20.35 -21.37 -4.64
CA SER A 289 19.29 -22.41 -4.54
C SER A 289 19.25 -23.00 -3.11
N PHE A 290 18.22 -23.80 -2.80
CA PHE A 290 18.15 -24.58 -1.54
C PHE A 290 19.30 -25.61 -1.48
N GLN A 291 19.62 -26.30 -2.58
CA GLN A 291 20.70 -27.34 -2.56
C GLN A 291 22.06 -26.63 -2.37
N ASN A 292 22.28 -25.43 -2.90
CA ASN A 292 23.53 -24.65 -2.61
C ASN A 292 23.63 -24.25 -1.13
N LEU A 293 22.52 -23.78 -0.59
CA LEU A 293 22.49 -23.38 0.83
C LEU A 293 22.85 -24.61 1.67
N ILE A 294 22.25 -25.77 1.43
CA ILE A 294 22.51 -27.00 2.25
C ILE A 294 24.02 -27.28 2.23
N GLU A 295 24.63 -27.18 1.07
CA GLU A 295 26.10 -27.46 0.90
C GLU A 295 26.91 -26.45 1.73
N GLY A 296 26.53 -25.18 1.67
CA GLY A 296 27.17 -24.05 2.39
C GLY A 296 27.11 -24.26 3.90
N PHE A 297 25.93 -24.61 4.42
CA PHE A 297 25.71 -24.85 5.87
C PHE A 297 26.50 -26.10 6.31
N GLU A 298 26.43 -27.15 5.52
CA GLU A 298 27.17 -28.42 5.80
C GLU A 298 28.68 -28.17 5.84
N ALA A 299 29.23 -27.27 5.00
CA ALA A 299 30.67 -26.94 5.00
C ALA A 299 30.99 -26.26 6.32
N LEU A 300 30.07 -25.40 6.80
CA LEU A 300 30.30 -24.65 8.05
C LEU A 300 30.22 -25.59 9.24
N LEU A 301 29.43 -26.67 9.18
CA LEU A 301 29.22 -27.58 10.33
C LEU A 301 30.34 -28.64 10.42
N LYS A 302 31.09 -28.88 9.33
CA LYS A 302 32.00 -30.05 9.08
C LYS A 302 32.90 -30.27 10.31
N VAL B 13 -5.76 50.78 11.18
CA VAL B 13 -6.45 49.46 11.01
C VAL B 13 -5.77 48.73 9.86
N ASP B 14 -5.49 47.44 10.04
CA ASP B 14 -4.95 46.56 8.99
C ASP B 14 -6.13 45.79 8.38
N PRO B 15 -6.47 45.99 7.10
CA PRO B 15 -7.62 45.33 6.49
C PRO B 15 -7.42 43.82 6.30
N THR B 16 -6.21 43.32 6.54
CA THR B 16 -5.89 41.86 6.43
C THR B 16 -5.92 41.21 7.82
N HIS B 17 -6.19 41.95 8.87
CA HIS B 17 -6.28 41.45 10.27
C HIS B 17 -7.76 41.25 10.63
N PHE B 18 -8.17 40.02 10.84
CA PHE B 18 -9.56 39.65 11.18
C PHE B 18 -9.57 39.35 12.69
N GLU B 19 -10.37 40.08 13.47
CA GLU B 19 -10.49 39.80 14.91
C GLU B 19 -11.35 38.58 15.13
N LYS B 20 -10.89 37.68 16.00
CA LYS B 20 -11.58 36.41 16.26
C LYS B 20 -13.01 36.72 16.75
N ARG B 21 -13.21 37.75 17.55
CA ARG B 21 -14.52 37.99 18.18
C ARG B 21 -15.60 38.27 17.13
N PHE B 22 -15.26 38.74 15.92
CA PHE B 22 -16.26 39.06 14.88
C PHE B 22 -16.37 38.00 13.78
N LEU B 23 -15.62 36.91 13.87
CA LEU B 23 -15.66 35.81 12.88
C LEU B 23 -16.66 34.76 13.36
N LYS B 24 -17.87 34.80 12.80
CA LYS B 24 -19.02 34.00 13.27
C LYS B 24 -19.10 32.78 12.35
N ARG B 25 -19.03 31.61 12.92
CA ARG B 25 -19.13 30.32 12.18
C ARG B 25 -20.52 30.19 11.55
N ILE B 26 -20.60 29.75 10.29
CA ILE B 26 -21.87 29.31 9.64
C ILE B 26 -21.83 27.77 9.52
N ARG B 27 -20.79 27.17 8.93
CA ARG B 27 -20.74 25.70 8.72
C ARG B 27 -19.38 25.29 8.16
N ASP B 28 -19.14 23.98 8.09
CA ASP B 28 -17.92 23.41 7.49
C ASP B 28 -18.05 23.33 5.98
N LEU B 29 -16.97 23.67 5.27
CA LEU B 29 -16.80 23.49 3.80
C LEU B 29 -15.98 22.25 3.56
N GLY B 30 -15.01 21.93 4.39
CA GLY B 30 -14.11 20.80 4.12
C GLY B 30 -13.36 20.41 5.39
N GLU B 31 -12.89 19.15 5.48
CA GLU B 31 -12.03 18.71 6.60
C GLU B 31 -11.00 17.69 6.13
N GLY B 32 -9.77 17.83 6.62
CA GLY B 32 -8.76 16.77 6.62
C GLY B 32 -8.58 16.23 8.02
N HIS B 33 -7.48 15.50 8.25
CA HIS B 33 -7.22 14.75 9.51
C HIS B 33 -6.78 15.73 10.59
N PHE B 34 -6.23 16.88 10.18
CA PHE B 34 -5.47 17.83 11.04
C PHE B 34 -6.14 19.20 11.03
N GLY B 35 -6.93 19.53 10.00
CA GLY B 35 -7.60 20.85 10.00
C GLY B 35 -8.89 20.90 9.24
N LYS B 36 -9.44 22.09 9.02
CA LYS B 36 -10.72 22.20 8.32
C LYS B 36 -10.78 23.55 7.60
N VAL B 37 -11.76 23.63 6.71
CA VAL B 37 -12.15 24.93 6.10
C VAL B 37 -13.61 25.16 6.44
N GLU B 38 -13.92 26.36 6.96
CA GLU B 38 -15.28 26.69 7.43
C GLU B 38 -15.76 27.90 6.69
N LEU B 39 -17.06 28.00 6.45
CA LEU B 39 -17.71 29.27 6.04
C LEU B 39 -17.98 30.07 7.32
N CYS B 40 -17.57 31.32 7.37
CA CYS B 40 -17.88 32.27 8.47
C CYS B 40 -18.38 33.56 7.86
N ARG B 41 -19.04 34.36 8.68
CA ARG B 41 -19.32 35.75 8.29
C ARG B 41 -18.39 36.61 9.15
N TYR B 42 -17.64 37.50 8.57
CA TYR B 42 -16.87 38.47 9.42
C TYR B 42 -17.80 39.62 9.71
N ASP B 43 -18.31 39.75 10.93
CA ASP B 43 -19.50 40.61 11.16
C ASP B 43 -19.20 41.63 12.28
N PRO B 44 -18.23 42.52 12.10
CA PRO B 44 -17.91 43.52 13.14
C PRO B 44 -19.07 44.43 13.54
N GLU B 45 -20.09 44.60 12.69
CA GLU B 45 -21.27 45.46 13.05
C GLU B 45 -22.36 44.65 13.73
N GLY B 46 -22.25 43.33 13.82
CA GLY B 46 -23.15 42.53 14.66
C GLY B 46 -24.54 42.39 14.07
N ASP B 47 -24.80 42.78 12.81
CA ASP B 47 -26.20 42.79 12.26
C ASP B 47 -26.36 41.81 11.08
N ASN B 48 -25.41 40.89 10.90
N ASN B 48 -25.40 40.89 10.91
CA ASN B 48 -25.47 39.86 9.84
CA ASN B 48 -25.38 39.85 9.85
C ASN B 48 -25.26 40.49 8.46
C ASN B 48 -25.21 40.46 8.45
N THR B 49 -24.58 41.63 8.34
CA THR B 49 -24.30 42.29 7.03
C THR B 49 -22.86 42.10 6.61
N GLY B 50 -22.03 41.52 7.45
CA GLY B 50 -20.62 41.29 7.08
C GLY B 50 -20.40 40.37 5.88
N GLU B 51 -19.19 40.41 5.34
CA GLU B 51 -18.80 39.52 4.23
C GLU B 51 -18.65 38.07 4.70
N GLN B 52 -19.12 37.16 3.86
CA GLN B 52 -18.86 35.72 4.04
C GLN B 52 -17.40 35.44 3.58
N VAL B 53 -16.66 34.61 4.31
CA VAL B 53 -15.27 34.26 4.02
C VAL B 53 -15.07 32.76 4.28
N ALA B 54 -14.05 32.17 3.67
CA ALA B 54 -13.59 30.80 3.94
C ALA B 54 -12.40 30.88 4.89
N VAL B 55 -12.42 30.08 5.92
CA VAL B 55 -11.45 30.20 7.04
C VAL B 55 -10.78 28.84 7.19
N LYS B 56 -9.46 28.79 7.02
CA LYS B 56 -8.72 27.52 7.22
C LYS B 56 -8.06 27.55 8.60
N SER B 57 -8.22 26.47 9.37
CA SER B 57 -7.67 26.42 10.75
C SER B 57 -7.29 24.99 11.09
N LEU B 58 -6.45 24.83 12.11
CA LEU B 58 -6.07 23.46 12.57
C LEU B 58 -7.02 22.98 13.67
N LYS B 59 -7.24 21.67 13.74
CA LYS B 59 -7.93 21.01 14.88
C LYS B 59 -7.08 21.28 16.13
N PRO B 60 -7.71 21.40 17.32
CA PRO B 60 -6.96 21.51 18.57
C PRO B 60 -6.12 20.24 18.83
N HIS B 66 2.52 20.95 11.99
CA HIS B 66 1.29 21.37 11.26
C HIS B 66 1.07 22.89 11.34
N ILE B 67 1.32 23.48 12.51
CA ILE B 67 1.22 24.96 12.65
C ILE B 67 2.25 25.59 11.73
N ALA B 68 3.49 25.08 11.68
CA ALA B 68 4.53 25.65 10.81
C ALA B 68 4.12 25.54 9.33
N ASP B 69 3.55 24.38 8.99
CA ASP B 69 3.12 24.13 7.59
C ASP B 69 2.02 25.13 7.24
N LEU B 70 1.06 25.38 8.13
CA LEU B 70 -0.01 26.36 7.80
C LEU B 70 0.59 27.76 7.62
N LYS B 71 1.56 28.14 8.48
CA LYS B 71 2.21 29.47 8.36
C LYS B 71 2.87 29.58 7.00
N LYS B 72 3.49 28.51 6.50
CA LYS B 72 4.12 28.52 5.15
C LYS B 72 3.03 28.64 4.06
N GLU B 73 1.91 27.96 4.22
CA GLU B 73 0.83 28.01 3.20
C GLU B 73 0.27 29.45 3.15
N ILE B 74 0.11 30.07 4.32
CA ILE B 74 -0.38 31.47 4.40
C ILE B 74 0.58 32.35 3.61
N GLU B 75 1.89 32.18 3.78
CA GLU B 75 2.87 33.10 3.16
C GLU B 75 2.93 32.84 1.64
N ILE B 76 2.68 31.59 1.22
CA ILE B 76 2.58 31.25 -0.23
C ILE B 76 1.38 31.99 -0.84
N LEU B 77 0.23 31.76 -0.28
CA LEU B 77 -1.04 32.29 -0.85
C LEU B 77 -1.05 33.83 -0.79
N ARG B 78 -0.53 34.44 0.27
CA ARG B 78 -0.54 35.93 0.45
C ARG B 78 0.11 36.59 -0.76
N ASN B 79 1.08 35.90 -1.33
CA ASN B 79 2.00 36.45 -2.36
C ASN B 79 1.64 35.91 -3.73
N LEU B 80 0.60 35.08 -3.87
CA LEU B 80 0.08 34.69 -5.22
C LEU B 80 -1.00 35.70 -5.65
N TYR B 81 -0.88 36.23 -6.85
CA TYR B 81 -1.82 37.21 -7.45
C TYR B 81 -2.11 36.74 -8.89
N HIS B 82 -3.23 36.04 -9.09
CA HIS B 82 -3.64 35.55 -10.44
C HIS B 82 -5.14 35.37 -10.49
N GLU B 83 -5.76 35.68 -11.62
CA GLU B 83 -7.24 35.63 -11.68
C GLU B 83 -7.72 34.19 -11.48
N ASN B 84 -6.87 33.16 -11.67
CA ASN B 84 -7.27 31.73 -11.53
C ASN B 84 -6.71 31.11 -10.25
N ILE B 85 -6.43 31.96 -9.26
CA ILE B 85 -6.01 31.53 -7.89
C ILE B 85 -6.89 32.22 -6.86
N VAL B 86 -7.47 31.44 -5.92
CA VAL B 86 -8.36 32.02 -4.87
C VAL B 86 -7.63 33.14 -4.11
N LYS B 87 -8.38 34.19 -3.78
CA LYS B 87 -7.81 35.38 -3.16
C LYS B 87 -7.60 35.17 -1.66
N TYR B 88 -6.39 35.42 -1.22
CA TYR B 88 -6.03 35.68 0.19
C TYR B 88 -6.73 36.94 0.65
N LYS B 89 -7.33 36.95 1.83
CA LYS B 89 -7.94 38.13 2.46
C LYS B 89 -7.19 38.51 3.71
N GLY B 90 -6.68 37.55 4.50
CA GLY B 90 -5.96 37.92 5.71
C GLY B 90 -5.80 36.79 6.66
N ILE B 91 -5.52 37.13 7.91
CA ILE B 91 -5.33 36.14 8.99
C ILE B 91 -6.11 36.57 10.25
N CYS B 92 -6.32 35.60 11.11
CA CYS B 92 -6.84 35.76 12.48
C CYS B 92 -5.80 35.13 13.39
N THR B 93 -5.20 35.90 14.29
CA THR B 93 -4.12 35.36 15.16
C THR B 93 -4.64 35.31 16.59
N GLU B 94 -4.65 34.15 17.23
CA GLU B 94 -4.90 34.02 18.70
C GLU B 94 -3.66 33.39 19.34
N GLY B 99 -0.93 30.09 17.19
CA GLY B 99 -2.23 29.68 16.61
C GLY B 99 -2.81 30.74 15.65
N ILE B 100 -3.29 30.30 14.50
CA ILE B 100 -3.50 31.20 13.33
C ILE B 100 -4.60 30.59 12.46
N LYS B 101 -5.38 31.47 11.82
CA LYS B 101 -6.39 31.10 10.81
C LYS B 101 -6.07 31.88 9.51
N LEU B 102 -6.23 31.23 8.40
CA LEU B 102 -6.08 31.81 7.06
C LEU B 102 -7.46 32.16 6.52
N ILE B 103 -7.63 33.41 6.10
CA ILE B 103 -8.93 33.96 5.65
C ILE B 103 -8.82 34.11 4.13
N MET B 104 -9.79 33.60 3.42
CA MET B 104 -9.86 33.56 1.95
C MET B 104 -11.23 34.06 1.47
N GLU B 105 -11.31 34.46 0.18
CA GLU B 105 -12.65 34.75 -0.40
C GLU B 105 -13.49 33.47 -0.44
N PHE B 106 -14.79 33.63 -0.23
CA PHE B 106 -15.77 32.54 -0.36
C PHE B 106 -16.37 32.53 -1.76
N LEU B 107 -16.37 31.37 -2.42
CA LEU B 107 -16.97 31.16 -3.78
C LEU B 107 -18.16 30.24 -3.60
N PRO B 108 -19.38 30.81 -3.51
CA PRO B 108 -20.55 30.01 -3.14
C PRO B 108 -20.90 28.86 -4.11
N SER B 109 -20.48 28.91 -5.37
CA SER B 109 -20.67 27.79 -6.33
C SER B 109 -19.81 26.59 -5.98
N GLY B 110 -18.80 26.70 -5.15
CA GLY B 110 -17.98 25.55 -4.69
C GLY B 110 -17.02 25.02 -5.72
N SER B 111 -16.69 23.74 -5.58
CA SER B 111 -15.71 23.09 -6.43
C SER B 111 -16.40 22.56 -7.68
N LEU B 112 -15.61 22.26 -8.68
CA LEU B 112 -16.14 21.55 -9.88
C LEU B 112 -16.80 20.21 -9.52
N LYS B 113 -16.35 19.54 -8.47
CA LYS B 113 -16.93 18.25 -8.01
C LYS B 113 -18.40 18.50 -7.66
N GLU B 114 -18.75 19.65 -7.06
CA GLU B 114 -20.15 19.98 -6.68
C GLU B 114 -20.89 20.61 -7.87
N TYR B 115 -20.22 21.52 -8.58
CA TYR B 115 -20.86 22.37 -9.57
C TYR B 115 -21.15 21.57 -10.83
N LEU B 116 -20.22 20.78 -11.36
CA LEU B 116 -20.46 20.17 -12.68
C LEU B 116 -21.66 19.21 -12.69
N PRO B 117 -21.83 18.34 -11.69
CA PRO B 117 -22.95 17.40 -11.75
C PRO B 117 -24.30 18.09 -11.84
N LYS B 118 -24.42 19.31 -11.30
CA LYS B 118 -25.67 20.09 -11.21
C LYS B 118 -25.87 21.01 -12.42
N ASN B 119 -24.85 21.22 -13.26
CA ASN B 119 -24.92 22.29 -14.29
C ASN B 119 -24.51 21.72 -15.63
N LYS B 120 -24.69 20.42 -15.82
CA LYS B 120 -24.33 19.79 -17.09
C LYS B 120 -25.02 20.47 -18.26
N ASN B 121 -26.28 20.79 -18.12
CA ASN B 121 -27.07 21.38 -19.21
C ASN B 121 -26.46 22.73 -19.64
N LYS B 122 -25.79 23.46 -18.75
CA LYS B 122 -25.32 24.85 -19.04
C LYS B 122 -23.84 24.81 -19.51
N ILE B 123 -23.09 23.74 -19.23
CA ILE B 123 -21.62 23.69 -19.44
C ILE B 123 -21.31 22.69 -20.55
N ASN B 124 -21.03 23.19 -21.75
CA ASN B 124 -20.71 22.36 -22.95
C ASN B 124 -19.18 22.23 -23.08
N LEU B 125 -18.73 21.53 -24.13
CA LEU B 125 -17.31 21.19 -24.31
C LEU B 125 -16.48 22.47 -24.45
N LYS B 126 -16.92 23.45 -25.26
CA LYS B 126 -16.21 24.74 -25.31
C LYS B 126 -15.96 25.30 -23.89
N GLN B 127 -16.96 25.31 -23.02
CA GLN B 127 -16.78 25.86 -21.66
C GLN B 127 -15.85 24.97 -20.83
N GLN B 128 -15.92 23.65 -20.99
CA GLN B 128 -14.99 22.74 -20.26
C GLN B 128 -13.55 22.99 -20.74
N LEU B 129 -13.32 23.27 -22.02
CA LEU B 129 -11.96 23.60 -22.49
C LEU B 129 -11.48 24.95 -21.94
N LYS B 130 -12.35 25.94 -21.84
CA LYS B 130 -11.98 27.22 -21.24
C LYS B 130 -11.61 27.03 -19.76
N TYR B 131 -12.35 26.26 -19.01
CA TYR B 131 -11.93 25.94 -17.61
C TYR B 131 -10.56 25.28 -17.65
N ALA B 132 -10.31 24.38 -18.62
CA ALA B 132 -9.01 23.66 -18.66
C ALA B 132 -7.86 24.67 -18.85
N VAL B 133 -8.02 25.59 -19.77
CA VAL B 133 -7.06 26.69 -20.02
C VAL B 133 -6.81 27.48 -18.74
N GLN B 134 -7.87 27.85 -17.98
CA GLN B 134 -7.77 28.66 -16.76
C GLN B 134 -6.99 27.90 -15.70
N ILE B 135 -7.25 26.61 -15.54
CA ILE B 135 -6.55 25.75 -14.55
C ILE B 135 -5.08 25.70 -14.99
N CYS B 136 -4.82 25.51 -16.29
CA CYS B 136 -3.40 25.51 -16.82
C CYS B 136 -2.69 26.85 -16.56
N LYS B 137 -3.37 27.98 -16.77
CA LYS B 137 -2.77 29.30 -16.47
C LYS B 137 -2.44 29.50 -15.00
N GLY B 138 -3.35 29.11 -14.12
CA GLY B 138 -3.09 29.21 -12.68
C GLY B 138 -1.90 28.32 -12.31
N MET B 139 -1.85 27.10 -12.83
CA MET B 139 -0.80 26.12 -12.46
C MET B 139 0.55 26.63 -12.97
N ASP B 140 0.55 27.20 -14.17
CA ASP B 140 1.80 27.67 -14.81
C ASP B 140 2.33 28.85 -14.01
N TYR B 141 1.46 29.74 -13.50
CA TYR B 141 1.81 30.85 -12.61
C TYR B 141 2.49 30.27 -11.35
N LEU B 142 1.91 29.22 -10.80
CA LEU B 142 2.44 28.61 -9.57
C LEU B 142 3.83 28.01 -9.85
N GLY B 143 3.99 27.28 -10.97
CA GLY B 143 5.23 26.57 -11.27
C GLY B 143 6.35 27.57 -11.57
N SER B 144 5.95 28.71 -12.18
CA SER B 144 6.87 29.85 -12.44
C SER B 144 7.43 30.41 -11.12
N ARG B 145 6.72 30.31 -10.02
CA ARG B 145 7.27 30.77 -8.73
C ARG B 145 7.90 29.58 -7.99
N GLN B 146 8.26 28.49 -8.68
CA GLN B 146 9.03 27.33 -8.12
C GLN B 146 8.21 26.62 -7.04
N TYR B 147 6.87 26.51 -7.23
CA TYR B 147 6.00 25.70 -6.35
C TYR B 147 5.45 24.47 -7.08
N VAL B 148 5.32 23.39 -6.31
CA VAL B 148 4.53 22.20 -6.68
C VAL B 148 3.30 22.14 -5.80
N HIS B 149 2.15 21.86 -6.43
CA HIS B 149 0.86 21.92 -5.75
C HIS B 149 0.67 20.62 -4.98
N ARG B 150 0.84 19.49 -5.70
CA ARG B 150 0.74 18.11 -5.15
C ARG B 150 -0.68 17.65 -4.86
N ASP B 151 -1.73 18.42 -5.19
CA ASP B 151 -3.10 18.03 -4.80
C ASP B 151 -4.06 18.55 -5.86
N LEU B 152 -3.65 18.62 -7.11
CA LEU B 152 -4.57 19.17 -8.16
C LEU B 152 -5.61 18.10 -8.56
N ALA B 153 -6.85 18.40 -8.23
CA ALA B 153 -8.03 17.56 -8.44
C ALA B 153 -9.24 18.51 -8.51
N ALA B 154 -10.30 18.02 -9.15
CA ALA B 154 -11.54 18.80 -9.35
C ALA B 154 -12.08 19.34 -8.03
N ARG B 155 -11.93 18.64 -6.92
CA ARG B 155 -12.37 19.06 -5.60
C ARG B 155 -11.60 20.30 -5.10
N ASN B 156 -10.52 20.70 -5.75
CA ASN B 156 -9.68 21.86 -5.35
C ASN B 156 -9.74 22.98 -6.38
N VAL B 157 -10.63 22.82 -7.35
CA VAL B 157 -10.87 23.90 -8.37
C VAL B 157 -12.24 24.51 -8.13
N LEU B 158 -12.30 25.79 -7.75
CA LEU B 158 -13.53 26.49 -7.35
C LEU B 158 -14.09 27.22 -8.54
N VAL B 159 -15.43 27.33 -8.54
CA VAL B 159 -16.15 28.05 -9.62
C VAL B 159 -16.44 29.47 -9.12
N GLU B 160 -15.79 30.48 -9.70
CA GLU B 160 -16.10 31.90 -9.41
C GLU B 160 -17.41 32.31 -10.13
N SER B 161 -17.59 31.87 -11.37
CA SER B 161 -18.82 32.05 -12.18
C SER B 161 -18.88 30.95 -13.21
N GLU B 162 -19.98 30.89 -13.95
CA GLU B 162 -20.05 30.01 -15.12
C GLU B 162 -18.81 30.12 -16.05
N HIS B 163 -18.19 31.28 -16.16
CA HIS B 163 -17.08 31.57 -17.09
C HIS B 163 -15.70 31.52 -16.41
N GLN B 164 -15.59 31.32 -15.11
CA GLN B 164 -14.25 31.44 -14.46
C GLN B 164 -14.07 30.48 -13.28
N VAL B 165 -12.93 29.79 -13.25
CA VAL B 165 -12.54 28.89 -12.14
C VAL B 165 -11.25 29.41 -11.50
N LYS B 166 -10.99 28.99 -10.31
CA LYS B 166 -9.79 29.34 -9.49
C LYS B 166 -9.33 28.07 -8.77
N ILE B 167 -8.02 27.83 -8.79
CA ILE B 167 -7.43 26.86 -7.83
C ILE B 167 -7.70 27.38 -6.41
N GLY B 168 -8.23 26.58 -5.53
CA GLY B 168 -8.87 27.10 -4.29
C GLY B 168 -8.30 26.51 -3.02
N ASP B 169 -7.29 25.65 -3.10
CA ASP B 169 -6.67 25.09 -1.88
C ASP B 169 -5.19 24.79 -2.13
N PHE B 170 -4.33 25.08 -1.13
CA PHE B 170 -2.86 25.00 -1.24
C PHE B 170 -2.25 24.28 -0.03
N GLY B 171 -3.00 23.37 0.51
CA GLY B 171 -2.69 22.62 1.75
C GLY B 171 -1.50 21.75 1.63
N LEU B 172 -1.14 21.31 0.41
CA LEU B 172 0.04 20.42 0.20
C LEU B 172 1.14 21.13 -0.61
N THR B 173 0.97 22.41 -0.95
CA THR B 173 1.88 23.14 -1.83
C THR B 173 3.24 23.33 -1.16
N LYS B 174 4.30 23.10 -1.94
CA LYS B 174 5.70 23.13 -1.46
C LYS B 174 6.59 23.90 -2.46
N ALA B 175 7.61 24.57 -1.92
CA ALA B 175 8.70 25.20 -2.68
C ALA B 175 9.60 24.08 -3.19
N ILE B 176 10.08 24.21 -4.42
CA ILE B 176 11.24 23.43 -4.94
C ILE B 176 12.48 24.29 -4.66
N GLU B 177 13.52 23.74 -4.05
CA GLU B 177 14.82 24.45 -3.90
C GLU B 177 15.38 24.84 -5.30
N THR B 178 15.89 26.08 -5.49
CA THR B 178 16.53 26.59 -6.76
C THR B 178 17.65 25.60 -7.19
N ASP B 179 17.89 25.46 -8.50
CA ASP B 179 18.73 24.42 -9.19
C ASP B 179 18.00 23.07 -9.23
N LYS B 180 17.37 22.64 -8.11
CA LYS B 180 16.74 21.30 -7.95
C LYS B 180 15.41 21.26 -8.70
N GLU B 181 14.89 20.06 -8.94
CA GLU B 181 13.73 19.84 -9.85
C GLU B 181 12.51 19.28 -9.11
N PTR B 182 12.68 18.90 -7.85
CA PTR B 182 11.62 18.19 -7.17
C PTR B 182 11.65 18.46 -5.67
O PTR B 182 12.63 18.97 -5.13
CB PTR B 182 11.71 16.70 -7.54
CG PTR B 182 12.98 15.99 -7.12
CD1 PTR B 182 13.98 15.70 -8.04
CD2 PTR B 182 13.10 15.54 -5.82
CE1 PTR B 182 15.13 15.02 -7.66
CE2 PTR B 182 14.24 14.89 -5.40
CZ PTR B 182 15.23 14.63 -6.33
OH PTR B 182 16.29 13.90 -5.80
P PTR B 182 17.78 14.00 -6.22
O1P PTR B 182 17.84 14.10 -7.75
O2P PTR B 182 18.43 15.19 -5.52
O3P PTR B 182 18.27 12.69 -5.70
N PTR B 183 10.54 18.09 -5.02
CA PTR B 183 10.42 18.12 -3.57
C PTR B 183 10.34 16.68 -3.15
O PTR B 183 9.64 15.88 -3.79
CB PTR B 183 9.17 18.93 -3.18
CG PTR B 183 8.85 18.85 -1.71
CD1 PTR B 183 7.90 17.94 -1.23
CD2 PTR B 183 9.55 19.62 -0.78
CE1 PTR B 183 7.65 17.81 0.13
CE2 PTR B 183 9.30 19.52 0.58
CZ PTR B 183 8.35 18.61 1.03
OH PTR B 183 8.09 18.46 2.40
P PTR B 183 8.92 19.21 3.60
O1P PTR B 183 8.59 20.68 3.59
O2P PTR B 183 10.40 18.98 3.46
O3P PTR B 183 8.26 18.49 4.73
N THR B 184 11.08 16.28 -2.11
CA THR B 184 10.99 14.91 -1.66
C THR B 184 9.96 14.85 -0.55
N VAL B 185 8.96 14.00 -0.74
CA VAL B 185 7.81 13.83 0.19
C VAL B 185 8.19 12.91 1.37
N LYS B 186 7.87 13.35 2.57
CA LYS B 186 8.09 12.54 3.80
C LYS B 186 6.74 12.01 4.24
N ASP B 187 5.78 12.90 4.44
CA ASP B 187 4.43 12.54 4.94
C ASP B 187 3.56 12.21 3.73
N ASP B 188 3.15 10.97 3.52
CA ASP B 188 2.58 10.50 2.23
C ASP B 188 1.41 9.55 2.49
N ARG B 189 1.16 9.16 3.74
CA ARG B 189 -0.11 8.51 4.07
C ARG B 189 -1.11 9.64 3.74
N ASP B 190 -2.27 9.30 3.27
CA ASP B 190 -3.29 10.28 2.83
C ASP B 190 -2.95 10.84 1.44
N SER B 191 -1.93 10.35 0.76
CA SER B 191 -1.61 10.72 -0.64
C SER B 191 -2.80 10.39 -1.59
N PRO B 192 -3.25 11.32 -2.51
CA PRO B 192 -4.30 11.05 -3.48
C PRO B 192 -3.75 10.24 -4.65
N VAL B 193 -3.53 8.96 -4.41
CA VAL B 193 -2.68 8.14 -5.33
C VAL B 193 -3.26 8.03 -6.74
N PHE B 194 -4.59 8.09 -6.89
CA PHE B 194 -5.22 7.96 -8.22
C PHE B 194 -5.01 9.20 -9.09
N TRP B 195 -4.41 10.25 -8.57
CA TRP B 195 -4.08 11.48 -9.33
C TRP B 195 -2.58 11.63 -9.51
N TYR B 196 -1.81 10.68 -8.98
CA TYR B 196 -0.36 10.91 -8.85
C TYR B 196 0.45 10.21 -9.95
N ALA B 197 1.49 10.87 -10.40
CA ALA B 197 2.41 10.35 -11.42
C ALA B 197 3.27 9.22 -10.83
N PRO B 198 3.79 8.31 -11.66
CA PRO B 198 4.57 7.16 -11.17
C PRO B 198 5.81 7.46 -10.31
N GLU B 199 6.56 8.51 -10.64
CA GLU B 199 7.72 8.95 -9.81
C GLU B 199 7.26 9.31 -8.37
N CYS B 200 6.03 9.80 -8.17
CA CYS B 200 5.49 10.14 -6.85
C CYS B 200 5.16 8.83 -6.14
N LEU B 201 4.58 7.88 -6.85
CA LEU B 201 4.16 6.59 -6.23
C LEU B 201 5.42 5.77 -5.88
N MET B 202 6.39 5.76 -6.79
CA MET B 202 7.54 4.81 -6.71
C MET B 202 8.65 5.39 -5.83
N GLN B 203 8.88 6.71 -5.88
CA GLN B 203 10.09 7.32 -5.26
C GLN B 203 9.78 8.53 -4.38
N SER B 204 8.51 8.88 -4.19
CA SER B 204 8.11 10.00 -3.29
C SER B 204 8.81 11.29 -3.78
N LYS B 205 9.02 11.44 -5.09
CA LYS B 205 9.57 12.68 -5.69
C LYS B 205 8.48 13.42 -6.45
N PHE B 206 8.37 14.72 -6.16
CA PHE B 206 7.30 15.58 -6.71
C PHE B 206 7.90 16.71 -7.56
N TYR B 207 7.68 16.61 -8.88
CA TYR B 207 8.22 17.55 -9.91
C TYR B 207 7.06 18.41 -10.40
N ILE B 208 7.35 19.52 -11.07
CA ILE B 208 6.27 20.25 -11.78
C ILE B 208 5.57 19.28 -12.75
N ALA B 209 6.31 18.41 -13.46
CA ALA B 209 5.76 17.47 -14.43
C ALA B 209 4.76 16.56 -13.70
N SER B 210 4.92 16.43 -12.38
CA SER B 210 4.03 15.61 -11.53
C SER B 210 2.67 16.35 -11.47
N ASP B 211 2.67 17.66 -11.36
CA ASP B 211 1.40 18.43 -11.36
C ASP B 211 0.77 18.33 -12.78
N VAL B 212 1.52 18.30 -13.88
CA VAL B 212 0.95 18.10 -15.25
C VAL B 212 0.19 16.77 -15.29
N TRP B 213 0.75 15.70 -14.77
CA TRP B 213 0.07 14.41 -14.70
C TRP B 213 -1.27 14.55 -13.94
N SER B 214 -1.27 15.18 -12.77
CA SER B 214 -2.47 15.46 -11.95
C SER B 214 -3.45 16.32 -12.75
N PHE B 215 -2.95 17.26 -13.52
CA PHE B 215 -3.86 18.07 -14.37
C PHE B 215 -4.56 17.15 -15.37
N GLY B 216 -3.89 16.16 -15.94
CA GLY B 216 -4.57 15.32 -16.94
C GLY B 216 -5.72 14.55 -16.29
N VAL B 217 -5.53 14.08 -15.08
CA VAL B 217 -6.56 13.37 -14.31
C VAL B 217 -7.72 14.34 -14.01
N THR B 218 -7.38 15.56 -13.64
CA THR B 218 -8.40 16.60 -13.34
C THR B 218 -9.18 16.88 -14.63
N LEU B 219 -8.49 17.03 -15.75
CA LEU B 219 -9.19 17.20 -17.06
C LEU B 219 -10.16 16.02 -17.35
N HIS B 220 -9.74 14.79 -17.08
CA HIS B 220 -10.63 13.61 -17.17
C HIS B 220 -11.86 13.80 -16.30
N GLU B 221 -11.71 14.24 -15.07
CA GLU B 221 -12.85 14.56 -14.17
C GLU B 221 -13.74 15.62 -14.81
N LEU B 222 -13.14 16.71 -15.29
CA LEU B 222 -13.98 17.83 -15.82
C LEU B 222 -14.84 17.31 -17.00
N LEU B 223 -14.26 16.51 -17.86
CA LEU B 223 -14.91 15.96 -19.08
C LEU B 223 -15.96 14.92 -18.73
N THR B 224 -15.92 14.29 -17.54
CA THR B 224 -16.99 13.34 -17.06
C THR B 224 -17.96 14.09 -16.11
N TYR B 225 -17.86 15.45 -16.05
CA TYR B 225 -18.69 16.29 -15.17
C TYR B 225 -18.62 15.76 -13.73
N CYS B 226 -17.44 15.30 -13.29
CA CYS B 226 -17.13 14.81 -11.94
C CYS B 226 -18.14 13.77 -11.46
N ASP B 227 -18.66 12.92 -12.33
CA ASP B 227 -19.59 11.89 -11.80
C ASP B 227 -18.79 10.87 -10.98
N SER B 228 -19.35 10.47 -9.86
CA SER B 228 -18.71 9.54 -8.87
C SER B 228 -18.34 8.24 -9.54
N ASP B 229 -19.28 7.69 -10.33
CA ASP B 229 -19.12 6.34 -10.92
C ASP B 229 -18.07 6.37 -12.05
N SER B 230 -17.53 7.50 -12.55
CA SER B 230 -16.38 7.41 -13.51
C SER B 230 -15.20 8.29 -13.01
N SER B 231 -15.13 8.44 -11.70
CA SER B 231 -14.01 9.08 -10.98
C SER B 231 -12.75 8.27 -11.24
N PRO B 232 -11.60 8.94 -11.31
CA PRO B 232 -10.33 8.27 -11.48
C PRO B 232 -10.15 7.09 -10.50
N MET B 233 -10.58 7.23 -9.25
CA MET B 233 -10.52 6.13 -8.24
C MET B 233 -11.41 4.96 -8.69
N ALA B 234 -12.70 5.19 -8.92
CA ALA B 234 -13.60 4.11 -9.42
C ALA B 234 -13.04 3.42 -10.66
N LEU B 235 -12.56 4.20 -11.65
CA LEU B 235 -12.06 3.60 -12.91
C LEU B 235 -10.80 2.83 -12.60
N PHE B 236 -9.81 3.37 -11.89
CA PHE B 236 -8.56 2.59 -11.66
C PHE B 236 -8.86 1.34 -10.80
N LEU B 237 -9.73 1.42 -9.79
CA LEU B 237 -10.05 0.24 -8.95
C LEU B 237 -10.76 -0.80 -9.80
N LYS B 238 -11.49 -0.41 -10.84
CA LYS B 238 -12.12 -1.42 -11.71
C LYS B 238 -11.01 -2.06 -12.56
N MET B 239 -10.00 -1.30 -12.97
CA MET B 239 -8.85 -1.83 -13.76
C MET B 239 -7.98 -2.80 -12.95
N ILE B 240 -7.61 -2.47 -11.70
CA ILE B 240 -6.59 -3.23 -10.90
C ILE B 240 -7.25 -4.16 -9.85
N GLY B 241 -8.55 -4.02 -9.61
CA GLY B 241 -9.33 -4.76 -8.58
C GLY B 241 -9.43 -3.94 -7.29
N PRO B 242 -10.60 -3.93 -6.60
CA PRO B 242 -10.78 -3.11 -5.39
C PRO B 242 -10.44 -3.89 -4.10
N THR B 243 -9.89 -5.10 -4.20
CA THR B 243 -9.76 -6.00 -3.04
C THR B 243 -8.31 -6.07 -2.54
N HIS B 244 -7.40 -5.19 -2.98
CA HIS B 244 -5.93 -5.46 -2.84
C HIS B 244 -5.33 -4.80 -1.58
N GLY B 245 -6.04 -3.91 -0.87
CA GLY B 245 -5.57 -3.39 0.42
C GLY B 245 -4.23 -2.68 0.27
N GLN B 246 -3.25 -3.06 1.11
CA GLN B 246 -1.86 -2.46 1.20
C GLN B 246 -1.06 -2.73 -0.13
N MET B 247 -1.59 -3.56 -1.02
CA MET B 247 -0.93 -3.85 -2.34
C MET B 247 -1.55 -2.96 -3.44
N THR B 248 -2.50 -2.08 -3.10
CA THR B 248 -3.22 -1.31 -4.14
C THR B 248 -2.22 -0.42 -4.89
N VAL B 249 -1.39 0.30 -4.17
CA VAL B 249 -0.49 1.26 -4.87
C VAL B 249 0.53 0.51 -5.75
N THR B 250 1.06 -0.65 -5.33
CA THR B 250 2.02 -1.39 -6.19
C THR B 250 1.35 -2.00 -7.44
N ARG B 251 0.10 -2.43 -7.30
CA ARG B 251 -0.72 -2.84 -8.48
C ARG B 251 -0.99 -1.66 -9.42
N LEU B 252 -1.25 -0.47 -8.86
CA LEU B 252 -1.47 0.74 -9.70
C LEU B 252 -0.17 1.07 -10.46
N VAL B 253 0.97 1.01 -9.81
CA VAL B 253 2.27 1.31 -10.48
C VAL B 253 2.52 0.32 -11.63
N ASN B 254 2.21 -0.95 -11.39
CA ASN B 254 2.40 -2.03 -12.40
C ASN B 254 1.51 -1.74 -13.59
N THR B 255 0.25 -1.41 -13.34
CA THR B 255 -0.72 -1.10 -14.43
C THR B 255 -0.18 0.07 -15.26
N LEU B 256 0.28 1.13 -14.59
CA LEU B 256 0.86 2.30 -15.31
C LEU B 256 2.12 1.89 -16.04
N LYS B 257 2.95 1.01 -15.47
CA LYS B 257 4.17 0.52 -16.15
C LYS B 257 3.79 -0.18 -17.45
N GLU B 258 2.74 -1.01 -17.44
CA GLU B 258 2.25 -1.74 -18.63
C GLU B 258 1.69 -0.76 -19.65
N GLY B 259 1.50 0.53 -19.35
CA GLY B 259 1.06 1.50 -20.37
C GLY B 259 -0.42 1.76 -20.34
N LYS B 260 -1.18 1.18 -19.40
CA LYS B 260 -2.64 1.41 -19.33
C LYS B 260 -2.91 2.75 -18.68
N ARG B 261 -3.93 3.43 -19.19
CA ARG B 261 -4.30 4.78 -18.74
C ARG B 261 -5.82 4.86 -18.64
N LEU B 262 -6.33 5.94 -18.02
CA LEU B 262 -7.79 6.14 -17.98
C LEU B 262 -8.26 6.23 -19.44
N PRO B 263 -9.48 5.74 -19.74
CA PRO B 263 -10.02 5.73 -21.10
C PRO B 263 -10.56 7.09 -21.53
N CYS B 264 -10.67 7.31 -22.84
CA CYS B 264 -11.31 8.52 -23.41
C CYS B 264 -12.65 8.76 -22.74
N PRO B 265 -12.94 9.91 -22.09
CA PRO B 265 -14.30 10.16 -21.59
C PRO B 265 -15.38 10.07 -22.66
N PRO B 266 -16.63 9.73 -22.29
CA PRO B 266 -17.76 9.82 -23.23
C PRO B 266 -17.88 11.21 -23.90
N ASN B 267 -18.08 11.18 -25.21
CA ASN B 267 -18.32 12.39 -25.99
C ASN B 267 -17.05 13.26 -26.04
N CYS B 268 -15.88 12.80 -25.64
CA CYS B 268 -14.62 13.61 -25.72
C CYS B 268 -13.99 13.39 -27.09
N PRO B 269 -13.74 14.43 -27.89
CA PRO B 269 -13.06 14.25 -29.16
C PRO B 269 -11.64 13.70 -29.02
N ASP B 270 -11.13 13.03 -30.06
CA ASP B 270 -9.80 12.38 -29.97
C ASP B 270 -8.74 13.48 -29.83
N GLU B 271 -8.91 14.62 -30.46
CA GLU B 271 -7.88 15.68 -30.33
C GLU B 271 -7.77 16.14 -28.85
N VAL B 272 -8.86 16.11 -28.09
CA VAL B 272 -8.77 16.51 -26.66
C VAL B 272 -8.12 15.37 -25.89
N TYR B 273 -8.52 14.12 -26.16
CA TYR B 273 -7.98 12.93 -25.47
C TYR B 273 -6.46 12.84 -25.69
N GLN B 274 -5.97 13.26 -26.85
CA GLN B 274 -4.52 13.16 -27.18
C GLN B 274 -3.74 14.16 -26.32
N LEU B 275 -4.26 15.38 -26.09
CA LEU B 275 -3.61 16.34 -25.13
C LEU B 275 -3.58 15.77 -23.72
N MET B 276 -4.66 15.16 -23.25
CA MET B 276 -4.71 14.49 -21.94
C MET B 276 -3.62 13.40 -21.87
N ARG B 277 -3.50 12.58 -22.92
CA ARG B 277 -2.57 11.42 -22.91
C ARG B 277 -1.14 11.93 -22.79
N LYS B 278 -0.83 13.12 -23.32
CA LYS B 278 0.53 13.73 -23.20
C LYS B 278 0.88 14.14 -21.76
N CYS B 279 -0.12 14.24 -20.88
CA CYS B 279 0.03 14.53 -19.45
C CYS B 279 0.51 13.24 -18.75
N TRP B 280 0.32 12.09 -19.37
CA TRP B 280 0.50 10.76 -18.73
C TRP B 280 1.57 9.93 -19.41
N GLU B 281 2.55 10.59 -19.99
CA GLU B 281 3.83 9.93 -20.36
C GLU B 281 4.50 9.41 -19.10
N PHE B 282 5.04 8.20 -19.15
CA PHE B 282 5.56 7.54 -17.93
C PHE B 282 6.71 8.38 -17.37
N GLN B 283 7.56 8.89 -18.27
CA GLN B 283 8.80 9.63 -17.90
C GLN B 283 8.43 11.08 -17.74
N PRO B 284 8.73 11.72 -16.58
CA PRO B 284 8.49 13.16 -16.42
C PRO B 284 9.00 14.02 -17.59
N SER B 285 10.19 13.76 -18.09
CA SER B 285 10.84 14.59 -19.14
C SER B 285 10.10 14.47 -20.47
N ASN B 286 9.24 13.46 -20.69
CA ASN B 286 8.49 13.29 -21.96
C ASN B 286 7.11 13.94 -21.92
N ARG B 287 6.70 14.46 -20.77
CA ARG B 287 5.32 14.95 -20.60
C ARG B 287 5.23 16.36 -21.16
N THR B 288 4.03 16.75 -21.60
CA THR B 288 3.74 18.13 -22.07
C THR B 288 3.91 19.09 -20.88
N SER B 289 4.20 20.33 -21.19
CA SER B 289 4.25 21.49 -20.29
C SER B 289 2.86 22.14 -20.19
N PHE B 290 2.62 22.98 -19.18
CA PHE B 290 1.35 23.72 -19.06
C PHE B 290 1.22 24.66 -20.27
N GLN B 291 2.34 25.25 -20.67
CA GLN B 291 2.31 26.22 -21.80
C GLN B 291 1.85 25.49 -23.08
N ASN B 292 2.34 24.27 -23.35
CA ASN B 292 1.94 23.48 -24.53
C ASN B 292 0.43 23.12 -24.42
N LEU B 293 -0.06 22.78 -23.24
CA LEU B 293 -1.52 22.49 -23.05
C LEU B 293 -2.32 23.74 -23.35
N ILE B 294 -1.91 24.91 -22.88
CA ILE B 294 -2.69 26.16 -23.14
C ILE B 294 -2.80 26.40 -24.66
N GLU B 295 -1.68 26.29 -25.38
CA GLU B 295 -1.73 26.48 -26.87
C GLU B 295 -2.60 25.39 -27.52
N GLY B 296 -2.51 24.15 -27.07
CA GLY B 296 -3.31 23.04 -27.64
C GLY B 296 -4.80 23.33 -27.50
N PHE B 297 -5.25 23.71 -26.29
CA PHE B 297 -6.68 23.98 -26.06
C PHE B 297 -7.13 25.22 -26.85
N GLU B 298 -6.37 26.30 -26.77
CA GLU B 298 -6.63 27.56 -27.52
C GLU B 298 -6.77 27.26 -29.01
N ALA B 299 -5.97 26.37 -29.60
CA ALA B 299 -6.12 25.99 -31.03
C ALA B 299 -7.51 25.34 -31.25
N LEU B 300 -7.92 24.47 -30.34
CA LEU B 300 -9.22 23.76 -30.44
C LEU B 300 -10.39 24.76 -30.29
N LEU B 301 -10.22 25.87 -29.57
CA LEU B 301 -11.33 26.82 -29.28
C LEU B 301 -11.52 27.85 -30.40
N LYS B 302 -10.53 28.05 -31.29
CA LYS B 302 -10.58 29.08 -32.37
C LYS B 302 -12.01 29.26 -32.88
C24 KH8 C . -5.43 -20.71 6.12
C25 KH8 C . -3.13 -20.67 8.21
C26 KH8 C . -2.20 -20.38 9.20
C27 KH8 C . -0.38 -20.58 13.51
C28 KH8 C . -0.06 -21.79 14.38
C1 KH8 C . 2.77 -23.31 12.33
C2 KH8 C . 2.05 -22.42 13.21
C3 KH8 C . 0.65 -22.91 13.58
C4 KH8 C . 0.60 -25.38 14.10
C5 KH8 C . 0.90 -26.14 15.24
C6 KH8 C . 0.90 -27.59 15.44
C7 KH8 C . 1.23 -25.18 16.23
C9 KH8 C . 1.97 -25.20 19.93
C15 KH8 C . -2.58 -19.97 10.47
C18 KH8 C . -4.51 -20.57 8.46
C8 KH8 C . 1.65 -24.58 18.63
C14 KH8 C . -1.53 -19.75 11.53
C20 KH8 C . -6.73 -21.57 7.92
C21 KH8 C . -7.73 -21.93 7.01
C22 KH8 C . -7.54 -21.77 5.65
C23 KH8 C . -6.42 -21.13 5.21
N1 KH8 C . 3.29 -24.03 11.57
N2 KH8 C . 0.78 -24.10 14.42
N3 KH8 C . 0.69 -28.42 14.42
O1 KH8 C . 1.22 -28.03 16.53
N4 KH8 C . 1.61 -25.45 17.57
O2 KH8 C . 1.44 -23.38 18.48
C10 KH8 C . 2.74 -24.35 20.92
C11 KH8 C . 1.32 -24.67 21.18
N5 KH8 C . 1.15 -23.97 15.72
C12 KH8 C . -0.23 -23.21 12.36
C13 KH8 C . -0.54 -21.97 11.55
N6 KH8 C . -1.24 -20.94 12.35
C16 KH8 C . -3.92 -19.94 10.76
C17 KH8 C . -4.87 -20.20 9.75
C19 KH8 C . -5.55 -20.96 7.48
O3 KH8 C . -2.66 -21.02 6.95
C24 KH8 D . -4.93 21.56 5.28
C25 KH8 D . -7.18 21.44 3.25
C26 KH8 D . -8.22 21.14 2.39
C27 KH8 D . -12.66 21.62 0.95
C28 KH8 D . -13.44 22.84 0.52
C1 KH8 D . -11.48 23.96 -2.62
C2 KH8 D . -12.35 23.21 -1.75
C3 KH8 D . -12.63 23.80 -0.37
C4 KH8 D . -12.91 26.33 -0.48
C5 KH8 D . -14.03 27.19 -0.74
C6 KH8 D . -14.13 28.67 -0.83
C7 KH8 D . -15.13 26.28 -0.94
C9 KH8 D . -18.81 26.42 -1.48
C15 KH8 D . -9.50 20.90 2.88
C18 KH8 D . -7.35 21.45 4.64
C8 KH8 D . -17.55 25.77 -1.11
C14 KH8 D . -10.64 20.67 1.93
C20 KH8 D . -6.55 22.60 6.72
C21 KH8 D . -5.54 22.99 7.60
C22 KH8 D . -4.23 22.72 7.28
C23 KH8 D . -3.92 21.99 6.14
N1 KH8 D . -10.70 24.60 -3.21
N2 KH8 D . -13.41 25.05 -0.53
N3 KH8 D . -13.04 29.42 -0.75
O1 KH8 D . -15.20 29.19 -1.10
N4 KH8 D . -16.49 26.56 -1.20
O2 KH8 D . -17.50 24.62 -0.70
C10 KH8 D . -19.91 25.50 -1.96
C11 KH8 D . -20.00 26.07 -0.61
N5 KH8 D . -14.75 25.04 -0.79
C12 KH8 D . -11.31 24.08 0.39
C13 KH8 D . -10.57 22.79 0.79
N6 KH8 D . -11.38 21.92 1.63
C16 KH8 D . -9.71 21.00 4.24
C17 KH8 D . -8.64 21.25 5.12
C19 KH8 D . -6.27 21.84 5.58
O3 KH8 D . -5.97 21.68 2.72
#